data_9RER
#
_entry.id   9RER
#
_cell.length_a   51.981
_cell.length_b   72.209
_cell.length_c   98.078
_cell.angle_alpha   90.000
_cell.angle_beta   90.000
_cell.angle_gamma   90.000
#
_symmetry.space_group_name_H-M   'P 21 21 21'
#
loop_
_entity.id
_entity.type
_entity.pdbx_description
1 polymer 'cAMP-dependent protein kinase catalytic subunit alpha'
2 non-polymer (2~{S},3~{R},4~{S})-4-azanyl-2-(morpholin-4-ylmethyl)oxolan-3-ol
3 non-polymer 'DIMETHYL SULFOXIDE'
4 non-polymer DI(HYDROXYETHYL)ETHER
5 water water
#
_entity_poly.entity_id   1
_entity_poly.type   'polypeptide(L)'
_entity_poly.pdbx_seq_one_letter_code
;GHMGNAAAAKKGSEQESVKEFLAKAKEEFLKKWESPSQNTAQLDHFDRIKTLGTGSFGRVMLVKHKETGNHYAMKILDKQ
KVVKLKQIEHTLNEKRILQAVNFPFLVKLEFSFKDNSNLYMVMEYVPGGEMFSHLRRIGRF(SEP)EPHARFYAAQIVLT
FEYLHSLDLIYRDLKPENLLIDQQGYIQVTDFGFAKRVKGRTW(TPO)LCGTPEYLAPEIILSKGYNKAVDWWALGVLIY
EMAAGYPPFFADQPIQIYEKIVSGKVRFPSHFSSDLKDLLRNLLQVDLTKRFGNLKNGVNDIKNHKWFATTDWIAIYQRK
VEAPFIPKFKGPGDTSNFDDYEEEEIRV(SEP)INEKCGKEFTEF
;
_entity_poly.pdbx_strand_id   A
#
# COMPACT_ATOMS: atom_id res chain seq x y z
N GLN A 15 9.74 1.18 -25.17
CA GLN A 15 10.14 -0.21 -25.30
C GLN A 15 8.95 -1.11 -25.61
N GLU A 16 9.00 -1.82 -26.74
CA GLU A 16 7.90 -2.68 -27.16
C GLU A 16 7.61 -3.76 -26.13
N SER A 17 8.66 -4.28 -25.48
CA SER A 17 8.46 -5.31 -24.46
C SER A 17 7.67 -4.76 -23.27
N VAL A 18 7.81 -3.47 -22.97
CA VAL A 18 7.05 -2.86 -21.88
C VAL A 18 5.59 -2.70 -22.28
N LYS A 19 5.34 -2.22 -23.51
CA LYS A 19 3.97 -2.02 -23.99
C LYS A 19 3.19 -3.32 -24.03
N GLU A 20 3.82 -4.39 -24.53
CA GLU A 20 3.14 -5.69 -24.61
C GLU A 20 2.85 -6.23 -23.22
N PHE A 21 3.78 -6.04 -22.27
CA PHE A 21 3.54 -6.50 -20.91
C PHE A 21 2.32 -5.81 -20.32
N LEU A 22 2.23 -4.48 -20.47
CA LEU A 22 1.12 -3.75 -19.86
C LEU A 22 -0.20 -4.04 -20.56
N ALA A 23 -0.16 -4.33 -21.86
CA ALA A 23 -1.37 -4.69 -22.59
C ALA A 23 -1.95 -6.00 -22.07
N LYS A 24 -1.08 -7.00 -21.90
CA LYS A 24 -1.53 -8.28 -21.34
C LYS A 24 -1.97 -8.12 -19.89
N ALA A 25 -1.27 -7.30 -19.12
CA ALA A 25 -1.65 -7.06 -17.73
C ALA A 25 -3.07 -6.53 -17.63
N LYS A 26 -3.44 -5.58 -18.52
CA LYS A 26 -4.78 -5.01 -18.46
C LYS A 26 -5.83 -6.01 -18.90
N GLU A 27 -5.53 -6.80 -19.94
CA GLU A 27 -6.44 -7.85 -20.37
C GLU A 27 -6.76 -8.82 -19.22
N GLU A 28 -5.74 -9.23 -18.47
CA GLU A 28 -5.95 -10.20 -17.39
C GLU A 28 -6.72 -9.58 -16.23
N PHE A 29 -6.39 -8.33 -15.89
CA PHE A 29 -7.12 -7.63 -14.84
C PHE A 29 -8.61 -7.50 -15.19
N LEU A 30 -8.91 -7.07 -16.43
CA LEU A 30 -10.30 -6.79 -16.78
C LEU A 30 -11.16 -8.06 -16.69
N LYS A 31 -10.61 -9.21 -17.06
CA LYS A 31 -11.39 -10.43 -17.00
C LYS A 31 -11.81 -10.76 -15.57
N LYS A 32 -10.91 -10.60 -14.61
CA LYS A 32 -11.26 -10.84 -13.21
C LYS A 32 -12.12 -9.71 -12.64
N TRP A 33 -11.88 -8.48 -13.09
CA TRP A 33 -12.66 -7.32 -12.67
C TRP A 33 -14.14 -7.51 -13.03
N GLU A 34 -14.40 -8.05 -14.21
CA GLU A 34 -15.78 -8.16 -14.68
C GLU A 34 -16.50 -9.38 -14.15
N SER A 35 -15.79 -10.32 -13.52
CA SER A 35 -16.38 -11.53 -12.94
C SER A 35 -15.69 -11.86 -11.62
N PRO A 36 -15.96 -11.08 -10.57
CA PRO A 36 -15.21 -11.25 -9.31
C PRO A 36 -15.56 -12.56 -8.59
N SER A 37 -14.56 -13.14 -7.94
CA SER A 37 -14.81 -14.33 -7.15
C SER A 37 -15.42 -13.95 -5.80
N GLN A 38 -16.22 -14.87 -5.26
CA GLN A 38 -16.91 -14.66 -3.99
C GLN A 38 -16.95 -15.98 -3.24
N ASN A 39 -16.96 -15.88 -1.90
CA ASN A 39 -17.37 -16.98 -1.02
C ASN A 39 -16.50 -18.22 -1.19
N THR A 40 -15.19 -18.04 -1.03
CA THR A 40 -14.23 -19.09 -1.29
C THR A 40 -13.70 -19.80 -0.03
N ALA A 41 -14.14 -19.43 1.17
CA ALA A 41 -13.82 -20.16 2.41
C ALA A 41 -14.86 -19.83 3.48
N GLN A 42 -14.63 -20.28 4.72
CA GLN A 42 -15.44 -19.83 5.86
C GLN A 42 -14.58 -19.80 7.13
N LEU A 43 -15.10 -19.14 8.17
CA LEU A 43 -14.27 -18.83 9.33
C LEU A 43 -13.78 -20.08 10.05
N ASP A 44 -14.66 -21.07 10.23
CA ASP A 44 -14.23 -22.28 10.95
C ASP A 44 -13.28 -23.20 10.12
N HIS A 45 -12.83 -22.77 8.94
CA HIS A 45 -11.72 -23.44 8.28
C HIS A 45 -10.37 -23.03 8.84
N PHE A 46 -10.31 -22.08 9.77
CA PHE A 46 -9.06 -21.51 10.26
C PHE A 46 -9.00 -21.53 11.79
N ASP A 47 -7.78 -21.64 12.32
CA ASP A 47 -7.48 -21.40 13.73
C ASP A 47 -6.90 -19.99 13.87
N ARG A 48 -7.37 -19.26 14.88
CA ARG A 48 -6.86 -17.92 15.18
C ARG A 48 -5.60 -18.00 16.02
N ILE A 49 -4.59 -17.19 15.67
N ILE A 49 -4.58 -17.22 15.66
CA ILE A 49 -3.28 -17.22 16.33
CA ILE A 49 -3.29 -17.21 16.36
C ILE A 49 -2.99 -15.93 17.09
C ILE A 49 -3.05 -15.91 17.11
N LYS A 50 -3.04 -14.78 16.40
CA LYS A 50 -2.64 -13.52 17.04
C LYS A 50 -3.20 -12.33 16.26
N THR A 51 -3.52 -11.25 16.99
CA THR A 51 -3.90 -10.00 16.36
C THR A 51 -2.63 -9.25 15.93
N LEU A 52 -2.54 -8.90 14.65
CA LEU A 52 -1.39 -8.19 14.10
C LEU A 52 -1.63 -6.68 13.98
N GLY A 53 -2.88 -6.24 13.98
CA GLY A 53 -3.20 -4.83 13.83
C GLY A 53 -4.67 -4.60 14.09
N THR A 54 -4.99 -3.38 14.51
CA THR A 54 -6.36 -3.02 14.86
C THR A 54 -6.65 -1.61 14.40
N GLY A 55 -7.87 -1.40 13.90
CA GLY A 55 -8.33 -0.11 13.43
C GLY A 55 -9.72 0.24 13.93
N SER A 56 -10.33 1.27 13.34
CA SER A 56 -11.63 1.76 13.80
C SER A 56 -12.78 0.84 13.37
N PHE A 57 -12.63 0.10 12.28
CA PHE A 57 -13.68 -0.81 11.82
C PHE A 57 -13.20 -2.21 11.47
N GLY A 58 -11.91 -2.50 11.63
CA GLY A 58 -11.38 -3.80 11.26
C GLY A 58 -10.14 -4.17 12.05
N ARG A 59 -9.71 -5.42 11.88
CA ARG A 59 -8.50 -5.96 12.48
C ARG A 59 -7.84 -6.86 11.45
N VAL A 60 -6.55 -7.14 11.65
CA VAL A 60 -5.84 -8.15 10.88
C VAL A 60 -5.30 -9.19 11.85
N MET A 61 -5.58 -10.46 11.54
N MET A 61 -5.59 -10.47 11.59
CA MET A 61 -5.21 -11.60 12.37
CA MET A 61 -5.20 -11.56 12.49
C MET A 61 -4.22 -12.48 11.62
C MET A 61 -4.42 -12.64 11.75
N LEU A 62 -3.33 -13.12 12.36
CA LEU A 62 -2.63 -14.28 11.86
C LEU A 62 -3.50 -15.50 12.13
N VAL A 63 -3.78 -16.29 11.07
CA VAL A 63 -4.57 -17.51 11.15
C VAL A 63 -3.82 -18.65 10.50
N LYS A 64 -4.21 -19.87 10.86
CA LYS A 64 -3.67 -21.09 10.25
C LYS A 64 -4.83 -21.89 9.66
N HIS A 65 -4.74 -22.22 8.38
CA HIS A 65 -5.76 -23.07 7.74
C HIS A 65 -5.66 -24.50 8.26
N LYS A 66 -6.78 -25.04 8.74
CA LYS A 66 -6.73 -26.31 9.45
C LYS A 66 -6.32 -27.46 8.54
N GLU A 67 -6.80 -27.48 7.30
CA GLU A 67 -6.58 -28.67 6.49
C GLU A 67 -5.19 -28.70 5.87
N THR A 68 -4.67 -27.54 5.47
CA THR A 68 -3.36 -27.46 4.83
C THR A 68 -2.23 -27.10 5.78
N GLY A 69 -2.53 -26.44 6.90
CA GLY A 69 -1.49 -25.96 7.78
C GLY A 69 -0.85 -24.65 7.35
N ASN A 70 -1.36 -24.02 6.29
CA ASN A 70 -0.76 -22.78 5.77
C ASN A 70 -1.18 -21.60 6.63
N HIS A 71 -0.25 -20.67 6.83
CA HIS A 71 -0.54 -19.43 7.55
C HIS A 71 -1.03 -18.35 6.60
N TYR A 72 -1.93 -17.50 7.10
CA TYR A 72 -2.49 -16.38 6.34
C TYR A 72 -2.74 -15.18 7.24
N ALA A 73 -2.79 -14.00 6.62
CA ALA A 73 -3.23 -12.78 7.30
C ALA A 73 -4.70 -12.53 6.94
N MET A 74 -5.58 -12.59 7.93
CA MET A 74 -7.02 -12.45 7.73
C MET A 74 -7.45 -11.05 8.18
N LYS A 75 -7.93 -10.24 7.23
CA LYS A 75 -8.48 -8.93 7.55
C LYS A 75 -9.98 -9.09 7.81
N ILE A 76 -10.44 -8.63 8.97
CA ILE A 76 -11.83 -8.81 9.42
C ILE A 76 -12.45 -7.42 9.55
N LEU A 77 -13.52 -7.17 8.80
CA LEU A 77 -14.22 -5.89 8.84
C LEU A 77 -15.61 -6.08 9.44
N ASP A 78 -15.94 -5.26 10.42
CA ASP A 78 -17.27 -5.28 11.04
C ASP A 78 -18.26 -4.51 10.16
N LYS A 79 -19.28 -5.21 9.65
CA LYS A 79 -20.19 -4.60 8.68
C LYS A 79 -20.89 -3.36 9.24
N GLN A 80 -21.41 -3.45 10.46
CA GLN A 80 -22.13 -2.32 11.03
C GLN A 80 -21.23 -1.10 11.21
N LYS A 81 -19.96 -1.31 11.57
CA LYS A 81 -19.04 -0.19 11.71
C LYS A 81 -18.64 0.39 10.37
N VAL A 82 -18.60 -0.43 9.32
CA VAL A 82 -18.29 0.06 7.98
C VAL A 82 -19.40 0.99 7.50
N VAL A 83 -20.66 0.63 7.77
CA VAL A 83 -21.79 1.46 7.39
C VAL A 83 -21.75 2.80 8.14
N LYS A 84 -21.51 2.76 9.45
CA LYS A 84 -21.53 3.97 10.25
C LYS A 84 -20.41 4.94 9.85
N LEU A 85 -19.22 4.42 9.57
CA LEU A 85 -18.10 5.25 9.17
C LEU A 85 -18.06 5.53 7.66
N LYS A 86 -19.14 5.20 6.95
CA LYS A 86 -19.30 5.53 5.52
C LYS A 86 -18.17 4.98 4.66
N GLN A 87 -17.87 3.69 4.84
CA GLN A 87 -16.80 3.03 4.12
C GLN A 87 -17.30 1.89 3.22
N ILE A 88 -18.61 1.84 2.93
CA ILE A 88 -19.15 0.72 2.15
C ILE A 88 -18.47 0.63 0.80
N GLU A 89 -18.53 1.71 0.01
CA GLU A 89 -17.93 1.69 -1.33
C GLU A 89 -16.43 1.36 -1.28
N HIS A 90 -15.72 1.91 -0.29
CA HIS A 90 -14.29 1.64 -0.17
C HIS A 90 -14.01 0.16 0.10
N THR A 91 -14.82 -0.49 0.94
CA THR A 91 -14.58 -1.91 1.20
C THR A 91 -14.89 -2.77 -0.01
N LEU A 92 -15.89 -2.40 -0.80
CA LEU A 92 -16.17 -3.12 -2.04
C LEU A 92 -15.06 -2.90 -3.08
N ASN A 93 -14.56 -1.66 -3.19
CA ASN A 93 -13.39 -1.40 -4.03
C ASN A 93 -12.24 -2.33 -3.65
N GLU A 94 -11.89 -2.36 -2.36
CA GLU A 94 -10.72 -3.09 -1.89
C GLU A 94 -10.77 -4.55 -2.32
N LYS A 95 -11.88 -5.22 -2.04
CA LYS A 95 -11.97 -6.64 -2.35
C LYS A 95 -11.97 -6.88 -3.86
N ARG A 96 -12.74 -6.07 -4.60
CA ARG A 96 -12.83 -6.26 -6.05
C ARG A 96 -11.49 -6.04 -6.74
N ILE A 97 -10.73 -5.03 -6.30
CA ILE A 97 -9.41 -4.78 -6.90
C ILE A 97 -8.43 -5.88 -6.52
N LEU A 98 -8.39 -6.26 -5.23
CA LEU A 98 -7.41 -7.25 -4.79
C LEU A 98 -7.61 -8.59 -5.48
N GLN A 99 -8.86 -9.00 -5.69
CA GLN A 99 -9.08 -10.28 -6.35
C GLN A 99 -8.70 -10.24 -7.83
N ALA A 100 -8.49 -9.07 -8.43
CA ALA A 100 -8.23 -8.95 -9.85
C ALA A 100 -6.78 -8.63 -10.24
N VAL A 101 -5.94 -8.18 -9.30
CA VAL A 101 -4.57 -7.75 -9.62
C VAL A 101 -3.58 -8.89 -9.47
N ASN A 102 -2.39 -8.70 -10.05
CA ASN A 102 -1.34 -9.72 -10.05
C ASN A 102 -0.03 -9.03 -10.42
N PHE A 103 0.87 -8.87 -9.45
CA PHE A 103 2.15 -8.20 -9.69
C PHE A 103 3.11 -8.63 -8.60
N PRO A 104 4.42 -8.70 -8.89
CA PRO A 104 5.35 -9.30 -7.90
C PRO A 104 5.40 -8.61 -6.56
N PHE A 105 5.04 -7.33 -6.46
CA PHE A 105 5.15 -6.56 -5.22
C PHE A 105 3.80 -6.25 -4.59
N LEU A 106 2.74 -6.97 -4.98
CA LEU A 106 1.41 -6.82 -4.38
C LEU A 106 1.06 -8.08 -3.61
N VAL A 107 0.56 -7.90 -2.37
CA VAL A 107 0.14 -9.04 -1.57
C VAL A 107 -1.02 -9.75 -2.26
N LYS A 108 -1.03 -11.08 -2.18
CA LYS A 108 -2.02 -11.87 -2.89
C LYS A 108 -3.20 -12.19 -1.98
N LEU A 109 -4.41 -11.98 -2.49
CA LEU A 109 -5.64 -12.38 -1.82
C LEU A 109 -5.92 -13.84 -2.15
N GLU A 110 -6.04 -14.69 -1.13
CA GLU A 110 -6.29 -16.12 -1.32
C GLU A 110 -7.75 -16.52 -1.17
N PHE A 111 -8.47 -15.94 -0.22
CA PHE A 111 -9.89 -16.26 -0.04
C PHE A 111 -10.61 -14.97 0.35
N SER A 112 -11.92 -14.95 0.12
CA SER A 112 -12.77 -13.94 0.72
C SER A 112 -14.15 -14.54 0.98
N PHE A 113 -14.83 -14.01 1.98
CA PHE A 113 -16.16 -14.48 2.37
C PHE A 113 -16.75 -13.48 3.37
N LYS A 114 -18.02 -13.72 3.72
CA LYS A 114 -18.73 -12.87 4.66
C LYS A 114 -19.64 -13.75 5.50
N ASP A 115 -20.07 -13.25 6.65
CA ASP A 115 -21.00 -13.97 7.50
C ASP A 115 -22.03 -12.98 8.04
N ASN A 116 -22.78 -13.39 9.07
CA ASN A 116 -23.81 -12.50 9.60
C ASN A 116 -23.23 -11.15 10.04
N SER A 117 -21.98 -11.12 10.50
CA SER A 117 -21.45 -9.92 11.12
C SER A 117 -20.32 -9.25 10.33
N ASN A 118 -19.46 -10.00 9.64
CA ASN A 118 -18.19 -9.47 9.18
C ASN A 118 -17.95 -9.76 7.70
N LEU A 119 -17.03 -9.00 7.12
CA LEU A 119 -16.38 -9.29 5.84
C LEU A 119 -14.96 -9.78 6.11
N TYR A 120 -14.48 -10.71 5.29
CA TYR A 120 -13.17 -11.33 5.50
C TYR A 120 -12.38 -11.34 4.20
N MET A 121 -11.13 -10.90 4.28
CA MET A 121 -10.18 -11.01 3.18
C MET A 121 -8.96 -11.72 3.71
N VAL A 122 -8.68 -12.91 3.17
CA VAL A 122 -7.60 -13.76 3.67
C VAL A 122 -6.46 -13.64 2.67
N MET A 123 -5.34 -13.07 3.11
N MET A 123 -5.35 -13.06 3.07
CA MET A 123 -4.17 -12.75 2.30
CA MET A 123 -4.24 -12.87 2.15
C MET A 123 -3.01 -13.68 2.64
C MET A 123 -2.98 -13.55 2.66
N GLU A 124 -1.98 -13.64 1.79
CA GLU A 124 -0.69 -14.19 2.16
C GLU A 124 -0.19 -13.49 3.42
N TYR A 125 0.48 -14.25 4.30
CA TYR A 125 1.13 -13.69 5.48
C TYR A 125 2.60 -13.39 5.17
N VAL A 126 3.01 -12.15 5.42
CA VAL A 126 4.38 -11.69 5.15
C VAL A 126 5.05 -11.49 6.51
N PRO A 127 5.91 -12.42 6.96
CA PRO A 127 6.36 -12.42 8.36
C PRO A 127 7.44 -11.42 8.69
N GLY A 128 8.05 -10.76 7.71
CA GLY A 128 9.16 -9.85 8.00
C GLY A 128 8.75 -8.53 8.65
N GLY A 129 7.47 -8.19 8.64
CA GLY A 129 7.00 -7.00 9.31
C GLY A 129 6.96 -5.77 8.41
N GLU A 130 6.43 -4.69 8.98
CA GLU A 130 6.25 -3.43 8.26
C GLU A 130 7.57 -2.67 8.08
N MET A 131 7.73 -2.06 6.90
CA MET A 131 8.86 -1.14 6.70
C MET A 131 8.98 -0.13 7.82
N PHE A 132 7.84 0.36 8.32
CA PHE A 132 7.86 1.36 9.38
C PHE A 132 8.71 0.93 10.57
N SER A 133 8.55 -0.33 11.02
CA SER A 133 9.31 -0.82 12.16
C SER A 133 10.81 -0.83 11.86
N HIS A 134 11.21 -1.33 10.69
CA HIS A 134 12.63 -1.40 10.37
C HIS A 134 13.24 -0.01 10.19
N LEU A 135 12.51 0.93 9.58
CA LEU A 135 13.01 2.28 9.43
C LEU A 135 13.23 2.95 10.78
N ARG A 136 12.27 2.80 11.71
CA ARG A 136 12.43 3.39 13.04
C ARG A 136 13.53 2.70 13.85
N ARG A 137 13.74 1.39 13.64
CA ARG A 137 14.81 0.66 14.33
C ARG A 137 16.20 1.05 13.83
N ILE A 138 16.36 1.15 12.50
CA ILE A 138 17.64 1.53 11.88
C ILE A 138 17.91 3.03 11.98
N GLY A 139 16.87 3.87 11.92
CA GLY A 139 17.03 5.32 11.96
C GLY A 139 16.71 5.95 10.61
N ARG A 140 17.54 5.66 9.62
CA ARG A 140 17.24 6.02 8.24
C ARG A 140 17.89 4.99 7.33
N PHE A 141 17.38 4.88 6.12
CA PHE A 141 17.98 4.00 5.11
C PHE A 141 19.03 4.77 4.28
N GLU A 143 20.94 5.81 0.83
CA GLU A 143 20.30 6.04 -0.47
C GLU A 143 20.16 4.77 -1.33
N PRO A 144 21.16 3.89 -1.41
CA PRO A 144 20.93 2.63 -2.16
C PRO A 144 19.80 1.78 -1.60
N HIS A 145 19.68 1.74 -0.28
CA HIS A 145 18.61 0.98 0.37
C HIS A 145 17.24 1.60 0.07
N ALA A 146 17.10 2.92 0.25
CA ALA A 146 15.88 3.61 -0.12
C ALA A 146 15.55 3.43 -1.59
N ARG A 147 16.57 3.49 -2.46
CA ARG A 147 16.36 3.37 -3.90
C ARG A 147 15.84 1.99 -4.29
N PHE A 148 16.33 0.93 -3.64
CA PHE A 148 15.84 -0.42 -3.90
C PHE A 148 14.33 -0.52 -3.65
N TYR A 149 13.87 0.01 -2.52
CA TYR A 149 12.43 0.00 -2.23
C TYR A 149 11.67 0.92 -3.18
N ALA A 150 12.20 2.12 -3.43
CA ALA A 150 11.51 3.07 -4.31
C ALA A 150 11.29 2.49 -5.70
N ALA A 151 12.29 1.76 -6.23
CA ALA A 151 12.16 1.19 -7.57
C ALA A 151 10.98 0.23 -7.64
N GLN A 152 10.78 -0.56 -6.57
CA GLN A 152 9.64 -1.48 -6.53
C GLN A 152 8.33 -0.72 -6.51
N ILE A 153 8.25 0.42 -5.81
CA ILE A 153 7.03 1.22 -5.80
C ILE A 153 6.78 1.84 -7.18
N VAL A 154 7.84 2.32 -7.85
CA VAL A 154 7.68 2.90 -9.18
C VAL A 154 7.07 1.88 -10.14
N LEU A 155 7.62 0.66 -10.16
CA LEU A 155 7.09 -0.40 -11.02
C LEU A 155 5.66 -0.77 -10.63
N THR A 156 5.36 -0.79 -9.33
CA THR A 156 4.00 -1.14 -8.89
C THR A 156 2.99 -0.08 -9.32
N PHE A 157 3.35 1.21 -9.21
CA PHE A 157 2.46 2.27 -9.66
C PHE A 157 2.31 2.28 -11.18
N GLU A 158 3.40 2.02 -11.92
CA GLU A 158 3.28 1.89 -13.37
C GLU A 158 2.22 0.84 -13.73
N TYR A 159 2.26 -0.31 -13.05
CA TYR A 159 1.27 -1.37 -13.27
C TYR A 159 -0.15 -0.91 -12.88
N LEU A 160 -0.32 -0.41 -11.65
CA LEU A 160 -1.66 -0.03 -11.18
C LEU A 160 -2.26 1.09 -12.04
N HIS A 161 -1.47 2.13 -12.30
CA HIS A 161 -1.99 3.26 -13.07
C HIS A 161 -2.41 2.86 -14.49
N SER A 162 -1.69 1.91 -15.10
CA SER A 162 -2.04 1.45 -16.44
C SER A 162 -3.40 0.74 -16.46
N LEU A 163 -3.82 0.20 -15.33
CA LEU A 163 -5.14 -0.41 -15.14
C LEU A 163 -6.19 0.60 -14.72
N ASP A 164 -5.87 1.90 -14.75
CA ASP A 164 -6.76 2.97 -14.29
C ASP A 164 -7.06 2.88 -12.79
N LEU A 165 -6.12 2.36 -12.00
CA LEU A 165 -6.26 2.30 -10.54
C LEU A 165 -5.41 3.37 -9.88
N ILE A 166 -5.95 4.01 -8.84
CA ILE A 166 -5.19 4.89 -7.96
C ILE A 166 -5.10 4.20 -6.59
N TYR A 167 -3.93 4.24 -5.97
CA TYR A 167 -3.71 3.48 -4.73
C TYR A 167 -4.14 4.24 -3.47
N ARG A 168 -3.62 5.46 -3.28
CA ARG A 168 -4.13 6.42 -2.28
C ARG A 168 -3.80 6.11 -0.82
N ASP A 169 -2.90 5.17 -0.54
CA ASP A 169 -2.52 4.98 0.88
C ASP A 169 -1.03 4.62 1.02
N LEU A 170 -0.14 5.20 0.20
CA LEU A 170 1.28 4.86 0.32
C LEU A 170 1.84 5.44 1.62
N LYS A 171 2.47 4.59 2.42
CA LYS A 171 3.11 4.98 3.68
C LYS A 171 3.85 3.76 4.22
N PRO A 172 4.86 3.96 5.09
CA PRO A 172 5.70 2.82 5.51
C PRO A 172 4.96 1.70 6.21
N GLU A 173 3.87 1.99 6.93
CA GLU A 173 3.14 0.92 7.60
C GLU A 173 2.44 -0.02 6.63
N ASN A 174 2.26 0.39 5.37
CA ASN A 174 1.55 -0.44 4.39
C ASN A 174 2.49 -1.20 3.46
N LEU A 175 3.81 -1.20 3.73
CA LEU A 175 4.80 -1.89 2.91
C LEU A 175 5.44 -2.96 3.78
N LEU A 176 5.18 -4.21 3.46
N LEU A 176 5.17 -4.23 3.47
CA LEU A 176 5.66 -5.33 4.25
CA LEU A 176 5.68 -5.32 4.29
C LEU A 176 6.95 -5.87 3.61
C LEU A 176 6.90 -5.96 3.63
N ILE A 177 7.88 -6.35 4.44
CA ILE A 177 9.15 -6.88 3.95
C ILE A 177 9.09 -8.40 3.99
N ASP A 178 9.34 -9.03 2.84
CA ASP A 178 9.18 -10.48 2.73
C ASP A 178 10.48 -11.22 3.03
N GLN A 179 10.44 -12.56 2.89
CA GLN A 179 11.59 -13.39 3.27
C GLN A 179 12.82 -13.14 2.40
N GLN A 180 12.65 -12.55 1.22
CA GLN A 180 13.77 -12.20 0.35
C GLN A 180 14.19 -10.74 0.50
N GLY A 181 13.56 -9.97 1.39
CA GLY A 181 13.86 -8.56 1.54
C GLY A 181 13.12 -7.64 0.58
N TYR A 182 12.18 -8.15 -0.20
CA TYR A 182 11.42 -7.35 -1.15
C TYR A 182 10.11 -6.85 -0.53
N ILE A 183 9.52 -5.81 -1.15
CA ILE A 183 8.29 -5.18 -0.66
C ILE A 183 7.06 -5.96 -1.11
N GLN A 184 6.06 -6.06 -0.22
CA GLN A 184 4.70 -6.47 -0.55
C GLN A 184 3.78 -5.34 -0.11
N VAL A 185 3.11 -4.69 -1.07
CA VAL A 185 2.16 -3.62 -0.76
C VAL A 185 0.87 -4.25 -0.26
N THR A 186 0.38 -3.79 0.90
N THR A 186 0.37 -3.77 0.87
CA THR A 186 -0.86 -4.25 1.50
CA THR A 186 -0.87 -4.24 1.46
C THR A 186 -1.77 -3.05 1.78
C THR A 186 -1.87 -3.07 1.52
N ASP A 187 -3.02 -3.35 2.13
CA ASP A 187 -4.05 -2.35 2.42
C ASP A 187 -4.51 -1.57 1.20
N PHE A 188 -5.45 -2.16 0.46
CA PHE A 188 -6.11 -1.53 -0.67
C PHE A 188 -7.41 -0.83 -0.29
N GLY A 189 -7.55 -0.46 0.99
CA GLY A 189 -8.81 0.09 1.47
C GLY A 189 -9.24 1.40 0.82
N PHE A 190 -8.28 2.16 0.28
CA PHE A 190 -8.58 3.41 -0.42
C PHE A 190 -8.37 3.33 -1.92
N ALA A 191 -8.01 2.17 -2.44
CA ALA A 191 -7.74 2.04 -3.87
C ALA A 191 -9.04 2.12 -4.67
N LYS A 192 -8.97 2.72 -5.86
CA LYS A 192 -10.17 2.91 -6.65
C LYS A 192 -9.83 2.87 -8.14
N ARG A 193 -10.74 2.30 -8.93
CA ARG A 193 -10.65 2.42 -10.38
C ARG A 193 -11.28 3.73 -10.84
N VAL A 194 -10.47 4.55 -11.51
CA VAL A 194 -10.77 5.94 -11.83
C VAL A 194 -10.32 6.18 -13.27
N LYS A 195 -11.24 6.53 -14.14
CA LYS A 195 -10.92 7.05 -15.47
C LYS A 195 -11.22 8.54 -15.40
N GLY A 196 -10.17 9.33 -15.28
CA GLY A 196 -10.33 10.76 -15.11
C GLY A 196 -9.96 11.20 -13.70
N ARG A 197 -10.88 11.87 -13.03
CA ARG A 197 -10.64 12.42 -11.70
C ARG A 197 -11.53 11.75 -10.66
N THR A 198 -11.16 11.92 -9.40
CA THR A 198 -11.96 11.48 -8.27
C THR A 198 -11.87 12.54 -7.17
N TRP A 199 -12.77 12.44 -6.18
CA TRP A 199 -12.95 13.55 -5.22
C TRP A 199 -12.87 13.23 -3.71
N LEU A 201 -12.00 12.66 0.13
CA LEU A 201 -10.93 12.99 1.06
C LEU A 201 -10.56 11.73 1.84
N CYS A 202 -9.37 11.20 1.57
CA CYS A 202 -8.91 10.00 2.26
C CYS A 202 -7.39 9.95 2.17
N GLY A 203 -6.81 9.19 3.08
CA GLY A 203 -5.37 9.05 3.21
C GLY A 203 -4.89 9.53 4.57
N THR A 204 -3.57 9.46 4.75
CA THR A 204 -2.94 9.87 6.00
C THR A 204 -2.38 11.28 5.83
N PRO A 205 -2.62 12.19 6.80
CA PRO A 205 -2.25 13.60 6.58
C PRO A 205 -0.87 13.88 6.04
N GLU A 206 0.16 13.24 6.60
CA GLU A 206 1.54 13.53 6.19
C GLU A 206 1.80 13.22 4.72
N TYR A 207 0.98 12.36 4.11
N TYR A 207 0.98 12.37 4.09
CA TYR A 207 1.19 11.88 2.75
CA TYR A 207 1.22 11.91 2.73
C TYR A 207 0.24 12.47 1.72
C TYR A 207 0.28 12.52 1.69
N LEU A 208 -0.66 13.37 2.12
CA LEU A 208 -1.66 13.92 1.19
C LEU A 208 -1.07 14.98 0.26
N ALA A 209 -1.41 14.86 -1.03
CA ALA A 209 -1.02 15.89 -2.00
C ALA A 209 -1.84 17.17 -1.80
N PRO A 210 -1.30 18.32 -2.22
CA PRO A 210 -2.04 19.59 -2.05
C PRO A 210 -3.44 19.57 -2.64
N GLU A 211 -3.64 18.91 -3.79
CA GLU A 211 -4.95 18.96 -4.43
C GLU A 211 -6.00 18.17 -3.64
N ILE A 212 -5.58 17.18 -2.84
CA ILE A 212 -6.52 16.53 -1.93
C ILE A 212 -6.92 17.48 -0.81
N ILE A 213 -5.93 18.16 -0.21
CA ILE A 213 -6.21 19.08 0.90
C ILE A 213 -7.13 20.21 0.46
N LEU A 214 -7.02 20.64 -0.79
CA LEU A 214 -7.79 21.76 -1.33
C LEU A 214 -9.12 21.34 -1.94
N SER A 215 -9.52 20.06 -1.79
CA SER A 215 -10.85 19.59 -2.21
C SER A 215 -11.05 19.68 -3.72
N LYS A 216 -9.99 19.45 -4.47
CA LYS A 216 -10.06 19.44 -5.92
C LYS A 216 -10.39 18.04 -6.44
N GLY A 217 -10.81 17.96 -7.70
CA GLY A 217 -10.79 16.69 -8.42
C GLY A 217 -9.34 16.34 -8.72
N TYR A 218 -8.94 15.12 -8.37
CA TYR A 218 -7.53 14.73 -8.43
C TYR A 218 -7.39 13.41 -9.18
N ASN A 219 -6.16 13.07 -9.54
CA ASN A 219 -5.88 11.90 -10.37
C ASN A 219 -4.66 11.16 -9.81
N LYS A 220 -4.08 10.27 -10.62
CA LYS A 220 -2.93 9.45 -10.22
C LYS A 220 -1.72 10.27 -9.77
N ALA A 221 -1.65 11.57 -10.10
CA ALA A 221 -0.56 12.40 -9.61
C ALA A 221 -0.43 12.38 -8.09
N VAL A 222 -1.51 12.09 -7.35
CA VAL A 222 -1.42 12.06 -5.88
C VAL A 222 -0.54 10.91 -5.40
N ASP A 223 -0.50 9.79 -6.15
CA ASP A 223 0.38 8.67 -5.78
C ASP A 223 1.84 9.05 -5.98
N TRP A 224 2.15 9.80 -7.05
CA TRP A 224 3.54 10.23 -7.28
C TRP A 224 4.00 11.24 -6.23
N TRP A 225 3.13 12.17 -5.79
CA TRP A 225 3.44 13.00 -4.64
C TRP A 225 3.77 12.15 -3.41
N ALA A 226 2.91 11.16 -3.13
CA ALA A 226 3.13 10.33 -1.95
C ALA A 226 4.47 9.58 -2.03
N LEU A 227 4.88 9.19 -3.25
CA LEU A 227 6.20 8.56 -3.41
C LEU A 227 7.32 9.52 -3.02
N GLY A 228 7.20 10.81 -3.38
CA GLY A 228 8.15 11.79 -2.90
C GLY A 228 8.23 11.88 -1.39
N VAL A 229 7.07 11.88 -0.70
CA VAL A 229 7.07 11.86 0.76
C VAL A 229 7.77 10.62 1.30
N LEU A 230 7.45 9.45 0.71
CA LEU A 230 8.02 8.18 1.19
C LEU A 230 9.53 8.16 1.01
N ILE A 231 10.02 8.57 -0.16
CA ILE A 231 11.47 8.58 -0.39
C ILE A 231 12.16 9.52 0.58
N TYR A 232 11.61 10.72 0.78
CA TYR A 232 12.16 11.64 1.77
C TYR A 232 12.20 10.98 3.16
N GLU A 233 11.10 10.35 3.58
CA GLU A 233 11.05 9.73 4.90
C GLU A 233 12.05 8.58 5.03
N MET A 234 12.16 7.73 4.01
CA MET A 234 13.15 6.65 4.05
C MET A 234 14.58 7.17 4.20
N ALA A 235 14.94 8.23 3.45
CA ALA A 235 16.32 8.71 3.40
C ALA A 235 16.65 9.63 4.58
N ALA A 236 15.66 10.31 5.16
CA ALA A 236 15.90 11.22 6.28
C ALA A 236 15.61 10.59 7.63
N GLY A 237 14.64 9.67 7.68
CA GLY A 237 14.17 9.08 8.91
C GLY A 237 12.89 9.71 9.45
N TYR A 238 12.42 10.79 8.84
CA TYR A 238 11.21 11.51 9.25
C TYR A 238 10.59 12.12 8.00
N PRO A 239 9.28 12.38 7.99
CA PRO A 239 8.64 12.88 6.77
C PRO A 239 8.88 14.37 6.61
N PRO A 240 8.70 14.90 5.39
CA PRO A 240 9.03 16.31 5.14
C PRO A 240 8.07 17.30 5.78
N PHE A 241 6.80 16.94 5.97
CA PHE A 241 5.79 17.82 6.54
C PHE A 241 5.21 17.17 7.80
N PHE A 242 5.39 17.79 8.95
CA PHE A 242 4.89 17.20 10.18
C PHE A 242 4.58 18.30 11.19
N ALA A 243 3.65 18.01 12.09
CA ALA A 243 3.20 18.95 13.11
C ALA A 243 2.24 18.22 14.05
N ASP A 244 1.92 18.85 15.17
N ASP A 244 1.95 18.86 15.19
CA ASP A 244 1.03 18.19 16.12
CA ASP A 244 1.05 18.27 16.16
C ASP A 244 -0.44 18.23 15.72
C ASP A 244 -0.37 18.15 15.60
N GLN A 245 -0.84 19.17 14.86
CA GLN A 245 -2.22 19.23 14.39
C GLN A 245 -2.26 19.04 12.87
N PRO A 246 -3.26 18.31 12.35
CA PRO A 246 -3.36 18.15 10.89
C PRO A 246 -3.46 19.47 10.15
N ILE A 247 -4.18 20.45 10.69
CA ILE A 247 -4.28 21.74 10.02
C ILE A 247 -2.91 22.38 9.83
N GLN A 248 -2.00 22.20 10.79
CA GLN A 248 -0.63 22.70 10.62
C GLN A 248 0.12 21.90 9.56
N ILE A 249 -0.10 20.59 9.50
CA ILE A 249 0.52 19.78 8.44
C ILE A 249 0.05 20.26 7.07
N TYR A 250 -1.24 20.52 6.94
CA TYR A 250 -1.79 20.93 5.65
C TYR A 250 -1.22 22.26 5.20
N GLU A 251 -1.03 23.20 6.13
CA GLU A 251 -0.42 24.48 5.76
C GLU A 251 0.98 24.30 5.19
N LYS A 252 1.77 23.38 5.77
CA LYS A 252 3.11 23.15 5.24
C LYS A 252 3.06 22.52 3.86
N ILE A 253 2.14 21.58 3.65
CA ILE A 253 2.04 20.87 2.38
C ILE A 253 1.70 21.83 1.25
N VAL A 254 0.70 22.67 1.46
CA VAL A 254 0.25 23.56 0.38
C VAL A 254 1.25 24.66 0.08
N SER A 255 2.16 24.96 1.01
N SER A 255 2.10 25.01 1.04
CA SER A 255 3.29 25.80 0.68
CA SER A 255 3.18 25.94 0.73
C SER A 255 4.28 24.98 -0.15
C SER A 255 4.28 25.26 -0.07
N GLY A 256 4.88 25.63 -1.15
N GLY A 256 4.45 23.95 0.14
CA GLY A 256 5.91 24.99 -1.93
CA GLY A 256 5.46 23.16 -0.53
C GLY A 256 7.26 25.02 -1.25
C GLY A 256 6.88 23.45 -0.12
N LYS A 257 7.30 24.65 0.03
N LYS A 257 7.12 24.47 0.71
CA LYS A 257 8.51 24.74 0.85
CA LYS A 257 8.47 24.79 1.16
C LYS A 257 8.84 23.38 1.46
C LYS A 257 9.06 23.58 1.86
N VAL A 258 10.09 22.96 1.28
CA VAL A 258 10.65 21.73 1.83
C VAL A 258 12.14 21.96 2.03
N ARG A 259 12.64 21.56 3.20
CA ARG A 259 14.06 21.66 3.53
C ARG A 259 14.66 20.27 3.50
N PHE A 260 15.82 20.14 2.86
CA PHE A 260 16.44 18.84 2.74
C PHE A 260 17.64 18.73 3.67
N PRO A 261 17.87 17.57 4.30
CA PRO A 261 19.10 17.40 5.08
C PRO A 261 20.34 17.52 4.20
N SER A 262 21.44 18.01 4.80
CA SER A 262 22.66 18.21 4.03
C SER A 262 23.24 16.89 3.51
N HIS A 263 22.94 15.76 4.14
CA HIS A 263 23.47 14.50 3.68
C HIS A 263 22.79 13.98 2.42
N PHE A 264 21.63 14.53 2.03
CA PHE A 264 21.01 14.12 0.77
C PHE A 264 21.92 14.46 -0.41
N SER A 265 22.03 13.53 -1.35
CA SER A 265 22.77 13.80 -2.59
C SER A 265 22.05 14.86 -3.43
N SER A 266 22.80 15.53 -4.32
CA SER A 266 22.18 16.48 -5.23
C SER A 266 21.13 15.80 -6.11
N ASP A 267 21.41 14.57 -6.58
CA ASP A 267 20.44 13.86 -7.40
C ASP A 267 19.15 13.59 -6.62
N LEU A 268 19.26 13.21 -5.34
CA LEU A 268 18.05 12.95 -4.56
C LEU A 268 17.22 14.22 -4.40
N LYS A 269 17.86 15.34 -4.05
CA LYS A 269 17.13 16.59 -3.91
C LYS A 269 16.42 16.97 -5.20
N ASP A 270 17.08 16.79 -6.36
CA ASP A 270 16.44 17.12 -7.62
C ASP A 270 15.21 16.26 -7.88
N LEU A 271 15.32 14.94 -7.66
CA LEU A 271 14.14 14.08 -7.87
C LEU A 271 13.01 14.50 -6.94
N LEU A 272 13.33 14.81 -5.67
CA LEU A 272 12.27 15.12 -4.72
C LEU A 272 11.60 16.47 -5.03
N ARG A 273 12.35 17.44 -5.54
CA ARG A 273 11.72 18.70 -5.94
C ARG A 273 10.70 18.49 -7.05
N ASN A 274 10.89 17.49 -7.90
CA ASN A 274 10.00 17.20 -9.02
C ASN A 274 8.84 16.30 -8.63
N LEU A 275 9.00 15.45 -7.60
CA LEU A 275 7.87 14.66 -7.08
C LEU A 275 7.00 15.48 -6.12
N LEU A 276 7.63 16.29 -5.26
CA LEU A 276 6.96 17.17 -4.32
C LEU A 276 6.65 18.52 -4.93
N GLN A 277 6.21 18.49 -6.18
CA GLN A 277 5.84 19.69 -6.92
C GLN A 277 4.37 20.01 -6.64
N VAL A 278 4.11 21.18 -6.07
CA VAL A 278 2.73 21.53 -5.69
C VAL A 278 1.80 21.65 -6.89
N ASP A 279 2.30 22.09 -8.04
CA ASP A 279 1.47 22.21 -9.24
C ASP A 279 1.39 20.84 -9.90
N LEU A 280 0.22 20.21 -9.85
CA LEU A 280 0.12 18.84 -10.34
C LEU A 280 0.39 18.71 -11.83
N THR A 281 0.23 19.79 -12.60
CA THR A 281 0.54 19.76 -14.02
C THR A 281 2.03 19.75 -14.33
N LYS A 282 2.89 19.95 -13.31
CA LYS A 282 4.34 19.94 -13.49
C LYS A 282 5.02 18.80 -12.74
N ARG A 283 4.25 17.93 -12.09
CA ARG A 283 4.80 16.90 -11.21
C ARG A 283 5.27 15.69 -12.00
N PHE A 284 6.47 15.20 -11.68
CA PHE A 284 6.95 13.97 -12.30
C PHE A 284 5.97 12.83 -12.07
N GLY A 285 5.79 12.00 -13.11
CA GLY A 285 4.75 10.99 -13.12
C GLY A 285 3.48 11.43 -13.81
N ASN A 286 3.27 12.74 -13.95
CA ASN A 286 2.06 13.28 -14.54
C ASN A 286 2.32 14.13 -15.77
N LEU A 287 3.51 14.03 -16.37
CA LEU A 287 3.86 14.75 -17.60
C LEU A 287 3.71 13.82 -18.81
N LYS A 288 4.00 14.39 -19.99
CA LYS A 288 3.82 13.65 -21.24
C LYS A 288 4.53 12.30 -21.24
N ASN A 289 5.70 12.22 -20.62
CA ASN A 289 6.48 10.99 -20.62
C ASN A 289 6.14 10.05 -19.45
N GLY A 290 5.15 10.40 -18.64
CA GLY A 290 4.66 9.51 -17.61
C GLY A 290 5.75 9.01 -16.68
N VAL A 291 5.74 7.70 -16.43
CA VAL A 291 6.67 7.12 -15.47
C VAL A 291 8.12 7.22 -15.94
N ASN A 292 8.36 7.40 -17.23
CA ASN A 292 9.74 7.40 -17.70
C ASN A 292 10.55 8.61 -17.24
N ASP A 293 9.90 9.72 -16.88
CA ASP A 293 10.66 10.83 -16.32
C ASP A 293 11.27 10.44 -14.98
N ILE A 294 10.62 9.53 -14.26
CA ILE A 294 11.16 9.00 -13.00
C ILE A 294 12.21 7.92 -13.27
N LYS A 295 11.87 6.93 -14.10
CA LYS A 295 12.81 5.84 -14.38
C LYS A 295 14.14 6.33 -14.93
N ASN A 296 14.13 7.41 -15.71
CA ASN A 296 15.33 7.92 -16.37
C ASN A 296 16.03 9.02 -15.58
N HIS A 297 15.52 9.37 -14.41
CA HIS A 297 16.16 10.40 -13.59
C HIS A 297 17.51 9.91 -13.08
N LYS A 298 18.45 10.86 -12.94
CA LYS A 298 19.80 10.53 -12.48
C LYS A 298 19.84 9.75 -11.17
N TRP A 299 18.90 9.98 -10.23
CA TRP A 299 18.98 9.25 -8.97
C TRP A 299 18.81 7.75 -9.18
N PHE A 300 18.14 7.34 -10.27
CA PHE A 300 17.93 5.93 -10.57
C PHE A 300 18.94 5.38 -11.58
N ALA A 301 20.06 6.08 -11.80
CA ALA A 301 20.98 5.65 -12.86
C ALA A 301 21.55 4.26 -12.63
N THR A 302 21.74 3.85 -11.37
CA THR A 302 22.27 2.52 -11.08
C THR A 302 21.21 1.42 -11.04
N THR A 303 19.93 1.74 -11.28
CA THR A 303 18.85 0.77 -11.11
C THR A 303 18.66 -0.06 -12.38
N ASP A 304 18.71 -1.39 -12.25
CA ASP A 304 18.38 -2.33 -13.32
C ASP A 304 16.91 -2.67 -13.16
N TRP A 305 16.05 -1.99 -13.92
CA TRP A 305 14.61 -2.13 -13.74
C TRP A 305 14.13 -3.56 -13.98
N ILE A 306 14.66 -4.22 -15.01
CA ILE A 306 14.24 -5.60 -15.30
C ILE A 306 14.67 -6.54 -14.19
N ALA A 307 15.90 -6.37 -13.68
CA ALA A 307 16.38 -7.22 -12.61
C ALA A 307 15.57 -7.06 -11.32
N ILE A 308 15.13 -5.84 -11.03
CA ILE A 308 14.25 -5.62 -9.87
C ILE A 308 12.93 -6.38 -10.05
N TYR A 309 12.30 -6.20 -11.20
CA TYR A 309 11.03 -6.88 -11.48
C TYR A 309 11.18 -8.40 -11.37
N GLN A 310 12.27 -8.95 -11.88
CA GLN A 310 12.52 -10.39 -11.84
C GLN A 310 13.05 -10.87 -10.49
N ARG A 311 13.23 -9.97 -9.53
CA ARG A 311 13.67 -10.31 -8.17
C ARG A 311 15.06 -10.95 -8.17
N LYS A 312 15.96 -10.42 -8.98
CA LYS A 312 17.31 -10.95 -9.13
C LYS A 312 18.37 -10.12 -8.40
N VAL A 313 17.98 -9.01 -7.79
CA VAL A 313 18.90 -8.13 -7.07
C VAL A 313 18.94 -8.56 -5.61
N GLU A 314 20.15 -8.64 -5.04
CA GLU A 314 20.28 -8.94 -3.63
C GLU A 314 19.72 -7.79 -2.81
N ALA A 315 18.84 -8.11 -1.86
CA ALA A 315 18.20 -7.06 -1.08
C ALA A 315 19.18 -6.47 -0.08
N PRO A 316 18.95 -5.22 0.35
CA PRO A 316 19.87 -4.62 1.34
C PRO A 316 19.79 -5.28 2.70
N PHE A 317 18.63 -5.80 3.09
N PHE A 317 18.70 -6.01 2.99
CA PHE A 317 18.60 -6.59 4.31
CA PHE A 317 18.33 -6.39 4.35
C PHE A 317 17.44 -7.58 4.25
C PHE A 317 17.36 -7.56 4.28
N ILE A 318 17.61 -8.62 5.03
CA ILE A 318 16.67 -9.73 5.16
C ILE A 318 16.16 -9.71 6.59
N PRO A 319 14.85 -9.63 6.82
CA PRO A 319 14.35 -9.61 8.19
C PRO A 319 14.64 -10.91 8.92
N LYS A 320 14.81 -10.79 10.24
CA LYS A 320 15.09 -11.92 11.12
C LYS A 320 13.76 -12.51 11.59
N PHE A 321 13.53 -13.78 11.27
CA PHE A 321 12.34 -14.49 11.75
C PHE A 321 12.63 -15.98 11.67
N LYS A 322 11.86 -16.77 12.43
CA LYS A 322 12.19 -18.18 12.63
C LYS A 322 11.46 -19.12 11.69
N GLY A 323 10.34 -18.69 11.10
CA GLY A 323 9.54 -19.56 10.26
C GLY A 323 8.29 -18.85 9.80
N PRO A 324 7.47 -19.52 8.99
CA PRO A 324 6.31 -18.85 8.38
C PRO A 324 5.23 -18.43 9.35
N GLY A 325 5.23 -18.96 10.58
CA GLY A 325 4.30 -18.50 11.60
C GLY A 325 4.88 -17.57 12.64
N ASP A 326 6.11 -17.09 12.44
N ASP A 326 6.12 -17.11 12.47
CA ASP A 326 6.77 -16.21 13.41
CA ASP A 326 6.74 -16.26 13.47
C ASP A 326 6.12 -14.83 13.41
C ASP A 326 6.08 -14.88 13.43
N THR A 327 5.74 -14.35 14.60
CA THR A 327 5.12 -13.03 14.74
C THR A 327 6.02 -12.00 15.43
N SER A 328 7.31 -12.32 15.61
N SER A 328 7.31 -12.31 15.60
CA SER A 328 8.22 -11.46 16.37
CA SER A 328 8.19 -11.44 16.40
C SER A 328 8.38 -10.06 15.78
C SER A 328 8.41 -10.07 15.78
N ASN A 329 8.13 -9.89 14.49
CA ASN A 329 8.32 -8.59 13.85
C ASN A 329 7.07 -7.73 13.91
N PHE A 330 5.99 -8.22 14.53
CA PHE A 330 4.77 -7.47 14.75
C PHE A 330 4.62 -7.22 16.25
N ASP A 331 3.75 -6.28 16.60
CA ASP A 331 3.64 -5.87 17.99
C ASP A 331 2.37 -6.42 18.64
N ASP A 332 2.20 -6.13 19.93
CA ASP A 332 1.23 -6.80 20.77
C ASP A 332 -0.02 -5.95 20.97
N TYR A 333 -1.19 -6.57 20.79
CA TYR A 333 -2.48 -5.92 20.94
C TYR A 333 -3.37 -6.77 21.84
N GLU A 334 -4.30 -6.11 22.52
CA GLU A 334 -5.30 -6.83 23.30
C GLU A 334 -6.05 -7.80 22.38
N GLU A 335 -6.23 -9.04 22.84
CA GLU A 335 -6.88 -10.05 22.02
C GLU A 335 -8.37 -10.06 22.31
N GLU A 336 -9.18 -9.73 21.29
CA GLU A 336 -10.62 -9.61 21.44
C GLU A 336 -11.33 -10.69 20.64
N GLU A 337 -12.58 -10.96 21.03
CA GLU A 337 -13.40 -11.96 20.34
C GLU A 337 -13.66 -11.58 18.89
N ILE A 338 -13.85 -12.59 18.05
CA ILE A 338 -14.43 -12.43 16.71
C ILE A 338 -15.86 -12.95 16.84
N ARG A 339 -16.80 -12.04 17.10
CA ARG A 339 -18.20 -12.43 17.29
C ARG A 339 -18.91 -12.50 15.95
N VAL A 340 -19.79 -13.48 15.82
CA VAL A 340 -20.66 -13.59 14.65
C VAL A 340 -22.10 -13.64 15.15
N ILE A 342 -26.12 -13.88 15.76
CA ILE A 342 -27.10 -14.91 15.42
C ILE A 342 -27.99 -14.45 14.26
N ASN A 343 -28.08 -13.14 14.05
CA ASN A 343 -28.88 -12.55 12.98
C ASN A 343 -27.99 -11.84 11.97
N GLU A 344 -28.44 -11.81 10.71
CA GLU A 344 -27.67 -11.17 9.66
C GLU A 344 -27.73 -9.66 9.78
N LYS A 345 -26.59 -9.01 9.61
CA LYS A 345 -26.49 -7.56 9.67
C LYS A 345 -26.10 -7.01 8.30
N CYS A 346 -26.81 -5.98 7.85
CA CYS A 346 -26.41 -5.18 6.68
C CYS A 346 -26.30 -6.03 5.42
N GLY A 347 -27.21 -7.00 5.27
CA GLY A 347 -27.14 -7.92 4.14
C GLY A 347 -27.21 -7.20 2.81
N LYS A 348 -28.22 -6.33 2.64
CA LYS A 348 -28.40 -5.63 1.37
C LYS A 348 -27.15 -4.84 0.97
N GLU A 349 -26.57 -4.11 1.94
CA GLU A 349 -25.46 -3.22 1.62
C GLU A 349 -24.26 -3.97 1.04
N PHE A 350 -24.05 -5.22 1.45
CA PHE A 350 -22.86 -5.96 1.06
C PHE A 350 -23.16 -7.13 0.12
N THR A 351 -24.28 -7.05 -0.62
CA THR A 351 -24.69 -8.13 -1.53
C THR A 351 -23.58 -8.52 -2.49
N GLU A 352 -22.86 -7.55 -3.07
CA GLU A 352 -21.84 -7.88 -4.06
C GLU A 352 -20.56 -8.46 -3.47
N PHE A 353 -20.36 -8.38 -2.16
CA PHE A 353 -19.09 -8.86 -1.57
C PHE A 353 -19.00 -10.39 -1.63
#